data_5F7F
#
_entry.id   5F7F
#
_cell.length_a   30.485
_cell.length_b   43.780
_cell.length_c   44.726
_cell.angle_alpha   77.32
_cell.angle_beta   86.78
_cell.angle_gamma   85.34
#
_symmetry.space_group_name_H-M   'P 1'
#
loop_
_entity.id
_entity.type
_entity.pdbx_description
1 polymer 'T-cell immunoglobulin and mucin domain-containing protein 4'
2 water water
#
_entity_poly.entity_id   1
_entity_poly.type   'polypeptide(L)'
_entity_poly.pdbx_seq_one_letter_code
;SETVVTEVLGHRVTLPCLYSSWSHNSNSMCWGKDQCPYSGCKEALIRTDGMRVTSRKSAKYRLQGTIPRGDVSLTILNPS
ESDSGVYCCRIEVPGWFNDVKINVRLNLQRALV
;
_entity_poly.pdbx_strand_id   A,B
#
# COMPACT_ATOMS: atom_id res chain seq x y z
N SER A 1 5.11 8.84 -8.97
CA SER A 1 5.76 8.53 -7.70
C SER A 1 6.20 7.08 -7.65
N GLU A 2 7.03 6.77 -6.66
CA GLU A 2 7.39 5.38 -6.42
C GLU A 2 7.08 5.04 -4.97
N THR A 3 6.53 3.85 -4.75
CA THR A 3 6.32 3.37 -3.40
C THR A 3 7.49 2.46 -3.02
N VAL A 4 8.17 2.81 -1.94
CA VAL A 4 9.37 2.11 -1.49
C VAL A 4 9.12 1.59 -0.11
N VAL A 5 9.44 0.32 0.12
CA VAL A 5 9.39 -0.22 1.47
C VAL A 5 10.82 -0.42 1.91
N THR A 6 11.15 0.19 3.04
CA THR A 6 12.50 0.11 3.58
C THR A 6 12.52 -0.85 4.76
N GLU A 7 13.45 -1.79 4.77
CA GLU A 7 13.56 -2.77 5.84
C GLU A 7 15.03 -3.06 6.08
N VAL A 8 15.34 -3.57 7.26
CA VAL A 8 16.68 -3.98 7.61
C VAL A 8 16.96 -5.37 7.05
N LEU A 9 18.18 -5.58 6.56
CA LEU A 9 18.60 -6.91 6.08
C LEU A 9 18.24 -8.00 7.08
N GLY A 10 17.76 -9.14 6.56
CA GLY A 10 17.42 -10.28 7.40
C GLY A 10 16.05 -10.22 8.06
N HIS A 11 15.38 -9.08 7.99
CA HIS A 11 14.06 -8.96 8.61
C HIS A 11 12.97 -9.20 7.58
N ARG A 12 12.03 -10.07 7.91
CA ARG A 12 10.93 -10.31 6.98
C ARG A 12 10.22 -9.00 6.61
N VAL A 13 9.80 -8.90 5.36
CA VAL A 13 9.28 -7.63 4.87
C VAL A 13 8.09 -7.92 3.97
N THR A 14 7.07 -7.05 4.01
CA THR A 14 5.86 -7.23 3.23
C THR A 14 5.69 -6.09 2.24
N LEU A 15 5.48 -6.45 0.97
CA LEU A 15 5.27 -5.49 -0.09
C LEU A 15 3.80 -5.48 -0.45
N PRO A 16 3.13 -4.33 -0.33
CA PRO A 16 1.68 -4.29 -0.47
C PRO A 16 1.22 -4.50 -1.91
N CYS A 17 0.17 -5.28 -2.06
CA CYS A 17 -0.61 -5.33 -3.28
C CYS A 17 -2.03 -5.72 -2.97
N LEU A 18 -2.96 -4.76 -3.09
CA LEU A 18 -4.35 -5.04 -2.76
C LEU A 18 -5.23 -4.72 -3.95
N TYR A 19 -6.17 -5.63 -4.23
CA TYR A 19 -7.12 -5.46 -5.32
C TYR A 19 -8.52 -5.72 -4.75
N SER A 20 -9.21 -4.65 -4.38
CA SER A 20 -10.45 -4.79 -3.62
C SER A 20 -11.59 -5.42 -4.41
N SER A 21 -11.52 -5.37 -5.73
CA SER A 21 -12.55 -5.98 -6.58
C SER A 21 -12.36 -7.49 -6.76
N TRP A 22 -11.37 -8.05 -6.09
CA TRP A 22 -11.03 -9.46 -6.26
C TRP A 22 -12.25 -10.38 -6.16
N SER A 23 -12.40 -11.24 -7.15
CA SER A 23 -13.41 -12.27 -7.09
C SER A 23 -12.72 -13.60 -7.28
N HIS A 24 -12.95 -14.54 -6.37
CA HIS A 24 -12.25 -15.80 -6.46
C HIS A 24 -12.57 -16.60 -7.75
N ASN A 25 -13.70 -16.32 -8.38
CA ASN A 25 -14.02 -17.01 -9.63
C ASN A 25 -13.40 -16.43 -10.84
N SER A 26 -12.79 -15.27 -10.74
CA SER A 26 -12.31 -14.49 -11.88
C SER A 26 -10.82 -14.16 -11.83
N ASN A 27 -10.33 -13.79 -10.67
CA ASN A 27 -8.96 -13.26 -10.59
C ASN A 27 -7.93 -14.26 -10.10
N SER A 28 -6.67 -13.99 -10.43
CA SER A 28 -5.52 -14.68 -9.90
C SER A 28 -4.37 -13.71 -10.05
N MET A 29 -3.19 -14.06 -9.55
CA MET A 29 -2.09 -13.13 -9.59
C MET A 29 -0.75 -13.79 -9.55
N CYS A 30 0.27 -13.00 -9.86
CA CYS A 30 1.65 -13.44 -9.64
C CYS A 30 2.53 -12.23 -9.39
N TRP A 31 3.62 -12.47 -8.69
CA TRP A 31 4.66 -11.48 -8.46
C TRP A 31 5.89 -11.76 -9.32
N GLY A 32 6.51 -10.70 -9.83
CA GLY A 32 7.78 -10.82 -10.52
C GLY A 32 8.82 -9.87 -9.96
N LYS A 33 10.07 -10.20 -10.20
CA LYS A 33 11.19 -9.29 -9.90
C LYS A 33 11.49 -8.40 -11.11
N ASP A 34 11.70 -7.11 -10.82
CA ASP A 34 12.09 -6.06 -11.79
C ASP A 34 10.94 -5.61 -12.70
N GLN A 35 10.20 -6.58 -13.26
CA GLN A 35 9.03 -6.28 -14.06
C GLN A 35 7.98 -7.32 -13.80
N CYS A 36 6.73 -7.07 -14.19
CA CYS A 36 5.70 -8.08 -14.00
C CYS A 36 5.91 -9.26 -14.91
N PRO A 37 5.57 -10.46 -14.41
CA PRO A 37 5.59 -11.60 -15.33
C PRO A 37 4.65 -11.37 -16.51
N TYR A 38 4.90 -12.10 -17.60
CA TYR A 38 4.01 -12.02 -18.74
C TYR A 38 2.68 -12.66 -18.40
N SER A 39 1.66 -12.37 -19.21
CA SER A 39 0.35 -13.00 -19.06
C SER A 39 0.51 -14.51 -18.96
N GLY A 40 -0.17 -15.14 -18.02
CA GLY A 40 0.02 -16.56 -17.78
C GLY A 40 0.86 -16.83 -16.56
N CYS A 41 1.58 -15.79 -16.12
CA CYS A 41 2.31 -15.82 -14.86
C CYS A 41 3.38 -16.91 -14.76
N LYS A 42 4.07 -17.20 -15.86
CA LYS A 42 5.21 -18.10 -15.81
C LYS A 42 6.47 -17.34 -15.42
N GLU A 43 7.48 -18.06 -14.95
CA GLU A 43 8.72 -17.47 -14.46
C GLU A 43 8.47 -16.50 -13.31
N ALA A 44 7.36 -16.70 -12.61
CA ALA A 44 7.00 -15.79 -11.54
C ALA A 44 7.67 -16.22 -10.23
N LEU A 45 7.80 -15.26 -9.31
CA LEU A 45 8.32 -15.59 -7.98
C LEU A 45 7.34 -16.42 -7.18
N ILE A 46 6.06 -16.08 -7.30
CA ILE A 46 4.99 -16.74 -6.57
C ILE A 46 3.71 -16.46 -7.35
N ARG A 47 2.77 -17.40 -7.30
CA ARG A 47 1.57 -17.38 -8.13
C ARG A 47 0.40 -17.91 -7.33
N THR A 48 -0.79 -17.36 -7.59
CA THR A 48 -2.02 -17.81 -6.94
C THR A 48 -3.04 -18.23 -7.97
N ASP A 49 -4.09 -18.90 -7.49
CA ASP A 49 -5.35 -18.96 -8.23
C ASP A 49 -6.29 -17.94 -7.59
N GLY A 50 -7.60 -18.18 -7.56
CA GLY A 50 -8.47 -17.20 -6.94
C GLY A 50 -8.51 -17.29 -5.42
N MET A 51 -7.89 -18.33 -4.86
CA MET A 51 -7.99 -18.57 -3.42
C MET A 51 -6.68 -18.64 -2.66
N ARG A 52 -5.65 -19.21 -3.27
CA ARG A 52 -4.44 -19.59 -2.54
C ARG A 52 -3.21 -19.62 -3.43
N VAL A 53 -2.04 -19.66 -2.80
CA VAL A 53 -0.79 -19.84 -3.53
C VAL A 53 -0.76 -21.22 -4.17
N THR A 54 -0.41 -21.26 -5.46
CA THR A 54 -0.35 -22.53 -6.17
C THR A 54 1.06 -22.93 -6.60
N SER A 55 1.99 -21.99 -6.63
CA SER A 55 3.40 -22.31 -6.88
C SER A 55 4.28 -21.16 -6.42
N ARG A 56 5.55 -21.45 -6.16
CA ARG A 56 6.52 -20.41 -5.81
C ARG A 56 7.93 -20.90 -6.08
N LYS A 57 8.82 -19.95 -6.32
CA LYS A 57 10.19 -20.25 -6.70
C LYS A 57 11.00 -20.76 -5.52
N SER A 58 10.67 -20.28 -4.31
CA SER A 58 11.25 -20.82 -3.10
C SER A 58 10.44 -20.39 -1.88
N ALA A 59 10.77 -20.97 -0.74
CA ALA A 59 10.01 -20.74 0.47
C ALA A 59 10.29 -19.38 1.11
N LYS A 60 11.17 -18.61 0.46
CA LYS A 60 11.39 -17.21 0.83
C LYS A 60 10.13 -16.36 0.65
N TYR A 61 9.29 -16.75 -0.31
CA TYR A 61 8.11 -15.95 -0.67
C TYR A 61 6.83 -16.51 -0.08
N ARG A 62 6.08 -15.67 0.60
CA ARG A 62 4.79 -16.06 1.20
C ARG A 62 3.74 -15.01 0.94
N LEU A 63 2.49 -15.44 0.79
CA LEU A 63 1.36 -14.53 0.80
C LEU A 63 0.58 -14.76 2.08
N GLN A 64 0.65 -13.78 2.98
CA GLN A 64 0.12 -13.93 4.33
C GLN A 64 -1.26 -13.31 4.51
N GLY A 65 -1.74 -12.58 3.51
CA GLY A 65 -3.02 -11.90 3.60
C GLY A 65 -4.17 -12.76 3.10
N THR A 66 -5.36 -12.20 3.15
CA THR A 66 -6.54 -12.93 2.70
C THR A 66 -6.66 -12.82 1.18
N ILE A 67 -6.15 -13.83 0.49
CA ILE A 67 -6.13 -13.81 -0.98
C ILE A 67 -7.54 -13.68 -1.61
N PRO A 68 -8.56 -14.42 -1.10
CA PRO A 68 -9.86 -14.25 -1.75
C PRO A 68 -10.49 -12.86 -1.57
N ARG A 69 -9.93 -12.02 -0.70
CA ARG A 69 -10.41 -10.65 -0.60
C ARG A 69 -9.45 -9.66 -1.26
N GLY A 70 -8.48 -10.19 -2.01
CA GLY A 70 -7.63 -9.36 -2.82
C GLY A 70 -6.37 -8.86 -2.16
N ASP A 71 -6.08 -9.34 -0.95
CA ASP A 71 -4.84 -8.96 -0.30
C ASP A 71 -3.77 -9.96 -0.71
N VAL A 72 -3.03 -9.61 -1.74
CA VAL A 72 -2.04 -10.51 -2.31
C VAL A 72 -0.64 -9.93 -2.11
N SER A 73 -0.49 -9.19 -1.01
CA SER A 73 0.79 -8.62 -0.60
C SER A 73 1.85 -9.71 -0.45
N LEU A 74 3.07 -9.40 -0.86
CA LEU A 74 4.17 -10.36 -0.86
C LEU A 74 5.01 -10.22 0.40
N THR A 75 5.18 -11.30 1.13
CA THR A 75 6.14 -11.30 2.24
C THR A 75 7.39 -12.05 1.81
N ILE A 76 8.53 -11.43 2.07
CA ILE A 76 9.84 -12.01 1.77
C ILE A 76 10.57 -12.32 3.08
N LEU A 77 10.88 -13.59 3.31
CA LEU A 77 11.57 -14.02 4.53
C LEU A 77 13.08 -13.87 4.39
N ASN A 78 13.73 -13.45 5.47
CA ASN A 78 15.19 -13.32 5.53
C ASN A 78 15.83 -12.69 4.29
N PRO A 79 15.37 -11.49 3.91
CA PRO A 79 15.89 -10.89 2.68
C PRO A 79 17.38 -10.55 2.80
N SER A 80 18.13 -10.81 1.74
CA SER A 80 19.54 -10.42 1.67
C SER A 80 19.63 -9.36 0.58
N GLU A 81 20.83 -8.83 0.33
CA GLU A 81 20.92 -7.66 -0.54
C GLU A 81 20.38 -7.88 -1.95
N SER A 82 20.56 -9.07 -2.51
CA SER A 82 20.08 -9.35 -3.86
C SER A 82 18.55 -9.25 -3.96
N ASP A 83 17.85 -9.36 -2.84
CA ASP A 83 16.41 -9.23 -2.84
C ASP A 83 15.94 -7.79 -3.00
N SER A 84 16.84 -6.82 -2.84
N SER A 84 16.83 -6.82 -2.83
CA SER A 84 16.46 -5.43 -3.06
CA SER A 84 16.41 -5.43 -3.04
C SER A 84 16.07 -5.19 -4.51
C SER A 84 16.04 -5.20 -4.50
N GLY A 85 15.21 -4.20 -4.73
CA GLY A 85 14.84 -3.83 -6.07
C GLY A 85 13.34 -3.75 -6.27
N VAL A 86 12.95 -3.60 -7.53
CA VAL A 86 11.55 -3.48 -7.88
C VAL A 86 10.87 -4.83 -7.92
N TYR A 87 9.67 -4.89 -7.36
CA TYR A 87 8.77 -6.04 -7.46
C TYR A 87 7.49 -5.58 -8.12
N CYS A 88 6.93 -6.44 -8.97
CA CYS A 88 5.71 -6.11 -9.67
C CYS A 88 4.67 -7.17 -9.42
N CYS A 89 3.50 -6.68 -9.01
CA CYS A 89 2.33 -7.49 -8.72
C CYS A 89 1.37 -7.43 -9.91
N ARG A 90 1.14 -8.58 -10.54
CA ARG A 90 0.22 -8.65 -11.69
C ARG A 90 -1.09 -9.34 -11.32
N ILE A 91 -2.20 -8.61 -11.45
CA ILE A 91 -3.52 -9.18 -11.23
C ILE A 91 -4.13 -9.57 -12.55
N GLU A 92 -4.39 -10.86 -12.72
CA GLU A 92 -5.07 -11.35 -13.91
C GLU A 92 -6.56 -11.00 -13.82
N VAL A 93 -7.04 -10.32 -14.86
CA VAL A 93 -8.41 -9.81 -14.94
C VAL A 93 -9.08 -10.41 -16.19
N PRO A 94 -10.38 -10.77 -16.08
CA PRO A 94 -11.06 -11.32 -17.26
C PRO A 94 -11.03 -10.40 -18.47
N GLY A 95 -10.92 -10.99 -19.64
CA GLY A 95 -10.88 -10.24 -20.88
C GLY A 95 -9.46 -9.88 -21.27
N TRP A 96 -9.36 -8.94 -22.19
CA TRP A 96 -8.09 -8.63 -22.80
C TRP A 96 -7.67 -7.20 -22.48
N PHE A 97 -6.37 -7.02 -22.26
CA PHE A 97 -5.75 -5.71 -21.99
C PHE A 97 -6.26 -5.06 -20.71
N ASN A 98 -6.69 -5.89 -19.76
CA ASN A 98 -7.32 -5.41 -18.52
C ASN A 98 -6.49 -5.67 -17.26
N ASP A 99 -5.37 -6.36 -17.40
CA ASP A 99 -4.64 -6.77 -16.20
C ASP A 99 -4.10 -5.56 -15.46
N VAL A 100 -4.02 -5.70 -14.14
CA VAL A 100 -3.52 -4.65 -13.26
C VAL A 100 -2.09 -4.97 -12.87
N LYS A 101 -1.23 -3.95 -12.94
CA LYS A 101 0.16 -4.12 -12.57
C LYS A 101 0.56 -3.04 -11.57
N ILE A 102 1.06 -3.49 -10.43
CA ILE A 102 1.38 -2.62 -9.30
C ILE A 102 2.84 -2.85 -8.91
N ASN A 103 3.63 -1.77 -8.85
CA ASN A 103 5.06 -1.85 -8.55
C ASN A 103 5.38 -1.39 -7.14
N VAL A 104 6.29 -2.10 -6.48
CA VAL A 104 6.81 -1.70 -5.17
C VAL A 104 8.32 -1.94 -5.14
N ARG A 105 9.08 -0.96 -4.67
CA ARG A 105 10.52 -1.14 -4.57
C ARG A 105 10.90 -1.52 -3.15
N LEU A 106 11.73 -2.55 -3.02
CA LEU A 106 12.27 -2.94 -1.71
C LEU A 106 13.66 -2.34 -1.55
N ASN A 107 13.83 -1.55 -0.49
CA ASN A 107 15.13 -1.00 -0.14
C ASN A 107 15.59 -1.60 1.18
N LEU A 108 16.74 -2.27 1.16
CA LEU A 108 17.27 -2.93 2.35
C LEU A 108 18.46 -2.16 2.90
N GLN A 109 18.49 -2.03 4.21
CA GLN A 109 19.55 -1.28 4.90
C GLN A 109 20.14 -2.09 6.03
N ARG A 110 21.28 -1.66 6.53
CA ARG A 110 21.82 -2.24 7.74
C ARG A 110 21.28 -1.59 9.00
N ALA A 111 20.70 -0.40 8.89
CA ALA A 111 20.21 0.32 10.07
C ALA A 111 19.03 1.21 9.70
N LEU A 112 18.24 1.61 10.69
CA LEU A 112 17.18 2.58 10.46
C LEU A 112 17.58 3.93 11.04
N VAL A 113 18.42 3.86 12.08
CA VAL A 113 18.88 5.02 12.86
C VAL A 113 17.71 5.80 13.44
N SER B 1 9.03 -2.41 8.99
CA SER B 1 9.44 -1.70 7.78
C SER B 1 8.85 -0.29 7.75
N GLU B 2 9.40 0.55 6.88
CA GLU B 2 8.86 1.89 6.66
C GLU B 2 8.41 2.00 5.22
N THR B 3 7.22 2.58 5.03
CA THR B 3 6.73 2.85 3.68
C THR B 3 7.01 4.30 3.32
N VAL B 4 7.68 4.49 2.20
CA VAL B 4 8.05 5.81 1.70
C VAL B 4 7.50 5.98 0.30
N VAL B 5 6.86 7.12 0.04
CA VAL B 5 6.52 7.48 -1.33
C VAL B 5 7.42 8.63 -1.76
N THR B 6 8.09 8.43 -2.89
CA THR B 6 8.97 9.46 -3.43
C THR B 6 8.33 10.09 -4.66
N GLU B 7 8.35 11.42 -4.70
CA GLU B 7 7.79 12.17 -5.83
C GLU B 7 8.57 13.47 -6.03
N VAL B 8 8.40 14.10 -7.18
CA VAL B 8 9.02 15.39 -7.40
C VAL B 8 8.15 16.51 -6.87
N LEU B 9 8.82 17.57 -6.43
CA LEU B 9 8.16 18.78 -5.97
C LEU B 9 7.13 19.26 -6.96
N GLY B 10 5.96 19.62 -6.44
CA GLY B 10 4.92 20.19 -7.27
C GLY B 10 4.00 19.19 -7.92
N HIS B 11 4.36 17.91 -7.87
CA HIS B 11 3.55 16.88 -8.50
C HIS B 11 2.63 16.23 -7.48
N ARG B 12 1.36 16.18 -7.79
CA ARG B 12 0.38 15.50 -6.94
C ARG B 12 0.84 14.11 -6.58
N VAL B 13 0.53 13.68 -5.38
CA VAL B 13 1.08 12.43 -4.90
C VAL B 13 0.06 11.74 -4.00
N THR B 14 0.03 10.41 -4.04
CA THR B 14 -0.91 9.64 -3.24
C THR B 14 -0.15 8.74 -2.26
N LEU B 15 -0.56 8.84 -0.99
CA LEU B 15 0.01 8.02 0.08
C LEU B 15 -0.96 6.88 0.41
N PRO B 16 -0.53 5.62 0.28
CA PRO B 16 -1.47 4.52 0.47
C PRO B 16 -1.90 4.30 1.91
N CYS B 17 -3.19 4.03 2.08
CA CYS B 17 -3.73 3.51 3.32
C CYS B 17 -4.95 2.68 2.99
N LEU B 18 -4.83 1.38 3.19
CA LEU B 18 -5.87 0.45 2.76
C LEU B 18 -6.24 -0.44 3.93
N TYR B 19 -7.53 -0.55 4.18
CA TYR B 19 -8.04 -1.36 5.26
C TYR B 19 -9.12 -2.27 4.71
N SER B 20 -8.72 -3.46 4.28
CA SER B 20 -9.61 -4.36 3.56
C SER B 20 -10.86 -4.76 4.34
N SER B 21 -10.78 -4.70 5.67
CA SER B 21 -11.90 -5.08 6.54
C SER B 21 -12.90 -3.95 6.81
N TRP B 22 -12.71 -2.81 6.17
CA TRP B 22 -13.58 -1.65 6.35
C TRP B 22 -15.06 -2.00 6.26
N SER B 23 -15.81 -1.58 7.27
CA SER B 23 -17.26 -1.61 7.21
C SER B 23 -17.82 -0.21 7.39
N HIS B 24 -18.64 0.24 6.46
CA HIS B 24 -19.21 1.57 6.55
C HIS B 24 -20.05 1.76 7.83
N ASN B 25 -20.50 0.66 8.45
CA ASN B 25 -21.29 0.82 9.67
C ASN B 25 -20.44 1.00 10.92
N SER B 26 -19.15 0.68 10.83
CA SER B 26 -18.29 0.68 12.01
C SER B 26 -17.06 1.60 11.94
N ASN B 27 -16.43 1.68 10.77
CA ASN B 27 -15.17 2.40 10.66
C ASN B 27 -15.29 3.81 10.14
N SER B 28 -14.25 4.58 10.43
CA SER B 28 -14.05 5.92 9.91
C SER B 28 -12.58 6.20 10.07
N MET B 29 -12.10 7.31 9.53
CA MET B 29 -10.67 7.52 9.62
C MET B 29 -10.27 8.98 9.57
N CYS B 30 -9.02 9.25 9.90
CA CYS B 30 -8.44 10.56 9.64
C CYS B 30 -6.95 10.45 9.36
N TRP B 31 -6.41 11.44 8.66
CA TRP B 31 -4.98 11.56 8.44
C TRP B 31 -4.41 12.67 9.30
N GLY B 32 -3.20 12.45 9.80
CA GLY B 32 -2.46 13.50 10.47
C GLY B 32 -1.06 13.63 9.92
N LYS B 33 -0.46 14.80 10.11
CA LYS B 33 0.96 15.02 9.82
C LYS B 33 1.82 14.66 11.03
N ASP B 34 2.93 13.96 10.78
CA ASP B 34 3.97 13.56 11.76
C ASP B 34 3.57 12.42 12.68
N GLN B 35 2.34 12.47 13.19
CA GLN B 35 1.83 11.43 14.08
C GLN B 35 0.35 11.32 13.81
N CYS B 36 -0.26 10.21 14.23
CA CYS B 36 -1.69 10.08 14.01
C CYS B 36 -2.44 11.06 14.91
N PRO B 37 -3.55 11.58 14.41
CA PRO B 37 -4.45 12.37 15.27
C PRO B 37 -4.87 11.53 16.46
N TYR B 38 -5.23 12.18 17.56
CA TYR B 38 -5.71 11.44 18.70
C TYR B 38 -7.08 10.84 18.41
N SER B 39 -7.46 9.86 19.24
CA SER B 39 -8.81 9.31 19.19
C SER B 39 -9.86 10.41 19.07
N GLY B 40 -10.75 10.26 18.10
CA GLY B 40 -11.76 11.29 17.85
C GLY B 40 -11.45 12.11 16.62
N CYS B 41 -10.21 12.04 16.16
CA CYS B 41 -9.79 12.61 14.88
C CYS B 41 -9.91 14.13 14.79
N LYS B 42 -9.62 14.84 15.87
CA LYS B 42 -9.61 16.30 15.80
C LYS B 42 -8.22 16.78 15.41
N GLU B 43 -8.16 17.99 14.85
CA GLU B 43 -6.94 18.59 14.33
C GLU B 43 -6.31 17.72 13.25
N ALA B 44 -7.17 17.05 12.49
CA ALA B 44 -6.68 16.17 11.43
C ALA B 44 -6.55 16.95 10.13
N LEU B 45 -5.81 16.39 9.20
CA LEU B 45 -5.69 16.98 7.87
C LEU B 45 -6.98 16.79 7.07
N ILE B 46 -7.60 15.64 7.27
CA ILE B 46 -8.80 15.24 6.54
C ILE B 46 -9.42 14.08 7.31
N ARG B 47 -10.74 13.95 7.22
CA ARG B 47 -11.49 13.06 8.08
C ARG B 47 -12.65 12.50 7.30
N THR B 48 -12.98 11.22 7.54
CA THR B 48 -14.13 10.60 6.91
C THR B 48 -15.12 10.11 7.96
N ASP B 49 -16.30 9.73 7.48
CA ASP B 49 -17.17 8.82 8.23
C ASP B 49 -17.00 7.42 7.62
N GLY B 50 -18.04 6.59 7.63
CA GLY B 50 -17.88 5.27 7.03
C GLY B 50 -17.94 5.27 5.50
N MET B 51 -18.30 6.41 4.92
CA MET B 51 -18.59 6.48 3.48
C MET B 51 -17.81 7.53 2.69
N ARG B 52 -17.53 8.67 3.31
CA ARG B 52 -17.11 9.85 2.55
C ARG B 52 -16.33 10.83 3.41
N VAL B 53 -15.63 11.74 2.75
CA VAL B 53 -14.96 12.82 3.48
C VAL B 53 -15.98 13.74 4.12
N THR B 54 -15.75 14.07 5.39
CA THR B 54 -16.69 14.94 6.11
C THR B 54 -16.06 16.27 6.56
N SER B 55 -14.73 16.37 6.56
CA SER B 55 -14.04 17.62 6.82
C SER B 55 -12.59 17.52 6.34
N ARG B 56 -11.99 18.67 6.05
CA ARG B 56 -10.56 18.71 5.70
C ARG B 56 -10.03 20.11 5.91
N LYS B 57 -8.72 20.17 6.11
CA LYS B 57 -8.03 21.41 6.42
C LYS B 57 -8.00 22.34 5.21
N SER B 58 -7.87 21.77 4.02
CA SER B 58 -7.98 22.53 2.77
C SER B 58 -8.13 21.59 1.59
N ALA B 59 -8.39 22.14 0.41
CA ALA B 59 -8.63 21.32 -0.76
C ALA B 59 -7.35 20.74 -1.33
N LYS B 60 -6.24 21.03 -0.68
CA LYS B 60 -4.98 20.35 -0.97
C LYS B 60 -5.09 18.84 -0.73
N TYR B 61 -5.97 18.44 0.19
CA TYR B 61 -6.10 17.04 0.58
C TYR B 61 -7.34 16.40 -0.01
N ARG B 62 -7.15 15.25 -0.64
CA ARG B 62 -8.27 14.54 -1.27
C ARG B 62 -8.16 13.05 -1.01
N LEU B 63 -9.31 12.39 -0.87
CA LEU B 63 -9.38 10.93 -0.86
C LEU B 63 -10.08 10.48 -2.14
N GLN B 64 -9.29 9.94 -3.07
CA GLN B 64 -9.76 9.60 -4.41
C GLN B 64 -10.17 8.14 -4.56
N GLY B 65 -9.87 7.34 -3.55
CA GLY B 65 -10.16 5.91 -3.57
C GLY B 65 -11.57 5.58 -3.11
N THR B 66 -11.90 4.30 -3.11
CA THR B 66 -13.23 3.89 -2.70
C THR B 66 -13.28 3.74 -1.18
N ILE B 67 -13.74 4.79 -0.51
CA ILE B 67 -13.72 4.81 0.95
C ILE B 67 -14.52 3.67 1.61
N PRO B 68 -15.73 3.36 1.09
CA PRO B 68 -16.45 2.24 1.74
C PRO B 68 -15.80 0.86 1.58
N ARG B 69 -14.78 0.74 0.72
CA ARG B 69 -14.04 -0.50 0.59
C ARG B 69 -12.69 -0.43 1.28
N GLY B 70 -12.49 0.64 2.06
CA GLY B 70 -11.28 0.76 2.84
C GLY B 70 -10.07 1.39 2.16
N ASP B 71 -10.24 1.93 0.97
CA ASP B 71 -9.16 2.66 0.32
C ASP B 71 -9.27 4.13 0.73
N VAL B 72 -8.53 4.48 1.76
CA VAL B 72 -8.57 5.83 2.32
C VAL B 72 -7.20 6.49 2.10
N SER B 73 -6.55 6.10 1.00
CA SER B 73 -5.28 6.71 0.58
C SER B 73 -5.42 8.22 0.41
N LEU B 74 -4.39 8.95 0.83
CA LEU B 74 -4.41 10.41 0.81
C LEU B 74 -3.73 10.95 -0.44
N THR B 75 -4.45 11.76 -1.22
CA THR B 75 -3.81 12.50 -2.31
C THR B 75 -3.54 13.94 -1.86
N ILE B 76 -2.32 14.39 -2.14
CA ILE B 76 -1.87 15.74 -1.79
C ILE B 76 -1.57 16.48 -3.09
N LEU B 77 -2.26 17.57 -3.32
CA LEU B 77 -2.09 18.35 -4.55
C LEU B 77 -0.94 19.34 -4.41
N ASN B 78 -0.21 19.54 -5.51
CA ASN B 78 0.88 20.50 -5.61
C ASN B 78 1.76 20.58 -4.35
N PRO B 79 2.36 19.44 -3.96
CA PRO B 79 3.12 19.46 -2.70
C PRO B 79 4.38 20.30 -2.80
N SER B 80 4.58 21.12 -1.78
CA SER B 80 5.78 21.91 -1.64
C SER B 80 6.63 21.26 -0.55
N GLU B 81 7.81 21.82 -0.31
CA GLU B 81 8.72 21.17 0.62
C GLU B 81 8.14 20.94 2.01
N SER B 82 7.33 21.88 2.51
CA SER B 82 6.77 21.72 3.85
C SER B 82 5.83 20.50 3.92
N ASP B 83 5.35 20.04 2.78
CA ASP B 83 4.48 18.86 2.74
C ASP B 83 5.24 17.55 2.90
N SER B 84 6.56 17.59 2.75
CA SER B 84 7.34 16.37 2.96
C SER B 84 7.24 15.92 4.42
N GLY B 85 7.46 14.63 4.66
CA GLY B 85 7.49 14.13 6.02
C GLY B 85 6.58 12.94 6.24
N VAL B 86 6.45 12.56 7.51
CA VAL B 86 5.62 11.44 7.88
C VAL B 86 4.15 11.85 7.92
N TYR B 87 3.30 10.95 7.41
CA TYR B 87 1.86 11.08 7.52
C TYR B 87 1.35 9.83 8.20
N CYS B 88 0.33 9.96 9.04
CA CYS B 88 -0.24 8.83 9.73
C CYS B 88 -1.73 8.73 9.45
N CYS B 89 -2.14 7.53 9.06
CA CYS B 89 -3.53 7.20 8.74
C CYS B 89 -4.11 6.43 9.91
N ARG B 90 -5.11 7.01 10.56
CA ARG B 90 -5.76 6.40 11.70
C ARG B 90 -7.14 5.88 11.34
N ILE B 91 -7.34 4.58 11.50
CA ILE B 91 -8.64 3.99 11.25
C ILE B 91 -9.31 3.71 12.56
N GLU B 92 -10.45 4.35 12.78
CA GLU B 92 -11.23 4.10 14.00
C GLU B 92 -11.89 2.73 13.94
N VAL B 93 -11.67 1.95 15.00
CA VAL B 93 -12.18 0.59 15.13
C VAL B 93 -12.98 0.49 16.44
N PRO B 94 -14.14 -0.20 16.41
CA PRO B 94 -14.92 -0.29 17.66
C PRO B 94 -14.11 -0.90 18.81
N GLY B 95 -14.30 -0.38 20.00
CA GLY B 95 -13.57 -0.84 21.17
C GLY B 95 -12.39 0.05 21.45
N TRP B 96 -11.51 -0.41 22.35
CA TRP B 96 -10.41 0.39 22.83
C TRP B 96 -9.07 -0.25 22.48
N PHE B 97 -8.07 0.60 22.25
CA PHE B 97 -6.70 0.14 21.96
C PHE B 97 -6.62 -0.71 20.71
N ASN B 98 -7.53 -0.51 19.78
CA ASN B 98 -7.45 -1.31 18.56
C ASN B 98 -7.59 -0.53 17.28
N ASP B 99 -7.50 0.79 17.36
CA ASP B 99 -7.45 1.57 16.13
C ASP B 99 -6.21 1.17 15.33
N VAL B 100 -6.35 1.19 14.00
CA VAL B 100 -5.22 0.91 13.12
C VAL B 100 -4.50 2.21 12.76
N LYS B 101 -3.18 2.22 12.90
CA LYS B 101 -2.37 3.39 12.61
C LYS B 101 -1.29 3.02 11.61
N ILE B 102 -1.37 3.63 10.44
CA ILE B 102 -0.50 3.31 9.32
C ILE B 102 0.29 4.55 8.95
N ASN B 103 1.62 4.45 8.98
CA ASN B 103 2.51 5.55 8.64
C ASN B 103 3.00 5.45 7.21
N VAL B 104 3.07 6.59 6.55
CA VAL B 104 3.70 6.70 5.22
C VAL B 104 4.53 7.96 5.18
N ARG B 105 5.79 7.85 4.78
CA ARG B 105 6.65 9.02 4.65
C ARG B 105 6.62 9.54 3.21
N LEU B 106 6.37 10.84 3.04
CA LEU B 106 6.50 11.49 1.73
C LEU B 106 7.89 12.12 1.58
N ASN B 107 8.65 11.63 0.61
CA ASN B 107 9.93 12.23 0.27
C ASN B 107 9.85 12.98 -1.05
N LEU B 108 10.11 14.28 -1.02
CA LEU B 108 10.06 15.12 -2.21
C LEU B 108 11.45 15.55 -2.63
N GLN B 109 11.73 15.46 -3.92
CA GLN B 109 12.97 16.07 -4.45
C GLN B 109 12.66 16.91 -5.69
N ARG B 110 13.55 17.80 -6.07
CA ARG B 110 13.29 18.65 -7.23
C ARG B 110 13.17 17.82 -8.51
N ALA B 111 14.13 16.92 -8.73
CA ALA B 111 14.18 16.19 -9.99
C ALA B 111 14.54 14.73 -9.81
N LEU B 112 14.50 13.98 -10.90
CA LEU B 112 14.71 12.53 -10.88
C LEU B 112 16.16 12.10 -10.80
N VAL B 113 17.04 13.00 -11.22
CA VAL B 113 18.41 12.66 -11.63
C VAL B 113 18.43 11.41 -12.51
#